data_1W7Z
#
_entry.id   1W7Z
#
_cell.length_a   71.160
_cell.length_b   82.340
_cell.length_c   62.930
_cell.angle_alpha   90.00
_cell.angle_beta   118.80
_cell.angle_gamma   90.00
#
_symmetry.space_group_name_H-M   'C 1 2 1'
#
loop_
_entity.id
_entity.type
_entity.pdbx_description
1 polymer 'TRYPSIN INHIBITOR II'
2 non-polymer 'SODIUM ION'
3 non-polymer 'FORMIC ACID'
4 water water
#
_entity_poly.entity_id   1
_entity_poly.type   'polypeptide(L)'
_entity_poly.pdbx_seq_one_letter_code
;GCPRILIRCKQDSDCLAGCVCGPNGFCGSPA
;
_entity_poly.pdbx_strand_id   A,B,C,D,E,F,G,H
#
# COMPACT_ATOMS: atom_id res chain seq x y z
N GLY A 1 7.54 -14.27 12.31
CA GLY A 1 7.59 -12.80 12.15
C GLY A 1 7.40 -12.30 10.72
N CYS A 2 7.40 -13.20 9.74
CA CYS A 2 7.19 -12.77 8.36
C CYS A 2 5.67 -12.72 8.06
N PRO A 3 5.16 -11.62 7.50
CA PRO A 3 3.76 -11.61 7.03
C PRO A 3 3.45 -12.73 6.07
N ARG A 4 2.23 -13.23 6.05
CA ARG A 4 1.90 -14.42 5.20
C ARG A 4 1.30 -14.05 3.83
N ILE A 5 1.57 -12.82 3.40
CA ILE A 5 1.26 -12.36 2.03
C ILE A 5 2.26 -13.04 1.15
N LEU A 6 1.78 -13.62 0.06
CA LEU A 6 2.70 -14.28 -0.89
C LEU A 6 3.37 -13.26 -1.80
N ILE A 7 4.69 -13.21 -1.71
CA ILE A 7 5.50 -12.28 -2.45
C ILE A 7 6.68 -13.06 -3.06
N ARG A 8 6.87 -12.94 -4.36
CA ARG A 8 7.94 -13.64 -5.02
C ARG A 8 9.22 -12.79 -4.91
N CYS A 9 10.38 -13.47 -4.77
CA CYS A 9 11.61 -12.76 -4.52
C CYS A 9 12.77 -13.46 -5.19
N LYS A 10 13.86 -12.73 -5.31
CA LYS A 10 15.12 -13.29 -5.78
C LYS A 10 16.16 -13.27 -4.67
N GLN A 11 16.01 -12.30 -3.75
CA GLN A 11 16.96 -12.12 -2.62
C GLN A 11 16.22 -11.57 -1.40
N ASP A 12 16.84 -11.63 -0.23
CA ASP A 12 16.15 -11.45 1.02
C ASP A 12 15.66 -9.99 1.10
N SER A 13 16.36 -9.07 0.50
CA SER A 13 16.02 -7.65 0.59
C SER A 13 14.75 -7.32 -0.15
N ASP A 14 14.30 -8.25 -1.00
CA ASP A 14 13.04 -8.12 -1.73
C ASP A 14 11.82 -8.26 -0.80
N CYS A 15 12.05 -8.79 0.39
CA CYS A 15 10.98 -9.20 1.31
C CYS A 15 10.72 -8.13 2.39
N LEU A 16 9.60 -8.25 3.06
CA LEU A 16 9.29 -7.34 4.18
C LEU A 16 10.18 -7.63 5.37
N ALA A 17 10.11 -6.78 6.39
CA ALA A 17 10.90 -6.96 7.57
C ALA A 17 10.58 -8.29 8.25
N GLY A 18 11.60 -9.00 8.70
CA GLY A 18 11.36 -10.29 9.35
C GLY A 18 11.35 -11.49 8.44
N CYS A 19 11.59 -11.24 7.15
CA CYS A 19 11.50 -12.28 6.14
C CYS A 19 12.84 -12.50 5.48
N VAL A 20 12.98 -13.67 4.91
CA VAL A 20 14.04 -13.98 3.97
C VAL A 20 13.44 -14.58 2.73
N CYS A 21 14.20 -14.64 1.64
CA CYS A 21 13.73 -15.22 0.40
C CYS A 21 14.16 -16.68 0.46
N GLY A 22 13.20 -17.56 0.63
CA GLY A 22 13.42 -19.01 0.67
C GLY A 22 13.91 -19.57 -0.66
N PRO A 23 14.40 -20.80 -0.61
CA PRO A 23 14.85 -21.47 -1.82
C PRO A 23 13.68 -21.65 -2.86
N ASN A 24 12.45 -21.59 -2.34
CA ASN A 24 11.18 -21.60 -3.10
C ASN A 24 10.84 -20.30 -3.92
N GLY A 25 11.62 -19.25 -3.76
CA GLY A 25 11.44 -17.99 -4.45
C GLY A 25 10.26 -17.21 -3.87
N PHE A 26 9.84 -17.59 -2.67
CA PHE A 26 8.85 -16.79 -1.88
C PHE A 26 9.41 -16.28 -0.55
N CYS A 27 8.94 -15.10 -0.15
CA CYS A 27 9.29 -14.50 1.17
C CYS A 27 8.72 -15.33 2.29
N GLY A 28 9.57 -15.62 3.28
CA GLY A 28 9.12 -16.44 4.39
C GLY A 28 9.96 -16.21 5.63
N SER A 29 9.53 -16.82 6.71
CA SER A 29 10.27 -16.77 7.99
C SER A 29 11.60 -17.50 7.95
N PRO A 30 12.66 -16.91 8.52
CA PRO A 30 13.90 -17.69 8.61
C PRO A 30 13.86 -18.66 9.77
N ALA A 31 14.94 -19.46 9.90
CA ALA A 31 15.17 -20.31 11.08
CA ALA A 31 15.18 -20.31 11.07
C ALA A 31 15.88 -19.52 12.20
C ALA A 31 14.21 -21.49 11.12
N GLY B 1 10.30 0.62 -10.22
CA GLY B 1 10.32 1.52 -9.02
C GLY B 1 9.67 0.87 -7.81
N CYS B 2 9.48 1.66 -6.77
CA CYS B 2 8.96 1.14 -5.53
C CYS B 2 7.39 1.03 -5.59
N PRO B 3 6.82 -0.09 -5.14
CA PRO B 3 5.37 -0.15 -4.95
C PRO B 3 4.86 1.08 -4.17
N ARG B 4 3.63 1.57 -4.41
CA ARG B 4 3.15 2.79 -3.72
C ARG B 4 2.25 2.50 -2.52
N ILE B 5 2.30 1.26 -2.05
CA ILE B 5 1.68 0.85 -0.78
C ILE B 5 2.44 1.53 0.34
N LEU B 6 1.74 2.07 1.30
CA LEU B 6 2.41 2.73 2.44
C LEU B 6 2.89 1.66 3.40
N ILE B 7 4.21 1.65 3.58
CA ILE B 7 4.92 0.78 4.49
C ILE B 7 5.94 1.54 5.28
N ARG B 8 5.83 1.55 6.60
CA ARG B 8 6.84 2.15 7.45
C ARG B 8 8.09 1.32 7.50
N CYS B 9 9.22 2.01 7.67
CA CYS B 9 10.51 1.38 7.64
C CYS B 9 11.48 2.15 8.52
N LYS B 10 12.48 1.38 8.94
CA LYS B 10 13.63 1.96 9.61
C LYS B 10 14.90 1.87 8.76
N GLN B 11 15.02 0.80 7.98
CA GLN B 11 16.09 0.69 6.97
C GLN B 11 15.63 0.16 5.64
N ASP B 12 16.47 0.34 4.63
CA ASP B 12 16.14 -0.02 3.25
C ASP B 12 15.70 -1.49 3.09
N SER B 13 16.35 -2.44 3.81
CA SER B 13 15.94 -3.87 3.67
C SER B 13 14.51 -4.14 4.20
N ASP B 14 13.92 -3.22 4.96
CA ASP B 14 12.50 -3.36 5.38
C ASP B 14 11.52 -3.27 4.20
N CYS B 15 12.00 -2.73 3.09
CA CYS B 15 11.06 -2.37 2.02
C CYS B 15 11.05 -3.42 0.93
N LEU B 16 10.09 -3.33 0.03
CA LEU B 16 10.00 -4.23 -1.13
C LEU B 16 11.05 -3.89 -2.20
N ALA B 17 11.17 -4.73 -3.23
CA ALA B 17 12.15 -4.51 -4.29
C ALA B 17 11.96 -3.18 -4.98
N GLY B 18 13.06 -2.46 -5.15
CA GLY B 18 13.05 -1.15 -5.76
C GLY B 18 12.93 0.04 -4.86
N CYS B 19 12.84 -0.21 -3.56
CA CYS B 19 12.54 0.79 -2.59
C CYS B 19 13.73 1.05 -1.72
N VAL B 20 13.79 2.27 -1.22
CA VAL B 20 14.59 2.61 -0.07
C VAL B 20 13.75 3.19 1.00
N CYS B 21 14.34 3.35 2.17
CA CYS B 21 13.66 3.93 3.27
C CYS B 21 13.88 5.44 3.27
N GLY B 22 12.80 6.18 3.04
CA GLY B 22 12.88 7.64 2.86
C GLY B 22 13.08 8.37 4.18
N PRO B 23 13.43 9.65 4.11
CA PRO B 23 13.56 10.36 5.38
C PRO B 23 12.24 10.60 6.10
N ASN B 24 11.11 10.40 5.42
CA ASN B 24 9.83 10.38 6.11
C ASN B 24 9.48 9.05 6.83
N GLY B 25 10.36 8.03 6.77
CA GLY B 25 10.16 6.77 7.50
C GLY B 25 9.17 5.85 6.79
N PHE B 26 9.00 6.09 5.52
CA PHE B 26 8.20 5.22 4.62
C PHE B 26 9.06 4.74 3.48
N CYS B 27 8.72 3.58 2.97
CA CYS B 27 9.33 2.99 1.76
C CYS B 27 9.01 3.82 0.52
N GLY B 28 10.02 4.11 -0.28
CA GLY B 28 9.80 4.93 -1.45
C GLY B 28 10.86 4.70 -2.50
N SER B 29 10.65 5.25 -3.67
CA SER B 29 11.64 5.16 -4.73
C SER B 29 12.82 6.05 -4.42
N PRO B 30 14.01 5.62 -4.83
CA PRO B 30 15.20 6.35 -4.45
C PRO B 30 15.45 7.66 -5.18
N ALA B 31 14.52 8.11 -6.03
CA ALA B 31 14.66 9.39 -6.74
C ALA B 31 14.42 10.60 -5.84
N GLY C 1 8.33 -1.20 -13.04
CA GLY C 1 8.24 -2.62 -12.60
C GLY C 1 6.94 -2.95 -11.89
N CYS C 2 6.43 -4.16 -12.09
CA CYS C 2 5.25 -4.56 -11.33
C CYS C 2 5.71 -5.07 -9.91
N PRO C 3 5.02 -4.71 -8.82
CA PRO C 3 5.32 -5.30 -7.50
C PRO C 3 5.19 -6.84 -7.60
N ARG C 4 5.97 -7.59 -6.82
CA ARG C 4 5.95 -9.03 -6.90
C ARG C 4 5.01 -9.75 -5.89
N ILE C 5 4.08 -8.97 -5.30
CA ILE C 5 3.01 -9.53 -4.49
C ILE C 5 2.09 -10.33 -5.40
N LEU C 6 1.69 -11.52 -4.99
CA LEU C 6 0.77 -12.32 -5.84
C LEU C 6 -0.65 -11.78 -5.67
N ILE C 7 -1.23 -11.31 -6.79
CA ILE C 7 -2.59 -10.76 -6.81
C ILE C 7 -3.31 -11.43 -7.97
N ARG C 8 -4.39 -12.11 -7.69
CA ARG C 8 -5.24 -12.65 -8.77
C ARG C 8 -6.01 -11.51 -9.47
N CYS C 9 -6.16 -11.64 -10.79
CA CYS C 9 -6.75 -10.63 -11.62
C CYS C 9 -7.57 -11.26 -12.77
N LYS C 10 -8.54 -10.46 -13.17
CA LYS C 10 -9.40 -10.64 -14.39
C LYS C 10 -8.88 -9.81 -15.54
N GLN C 11 -8.53 -8.58 -15.23
CA GLN C 11 -8.21 -7.55 -16.21
C GLN C 11 -7.11 -6.72 -15.67
N ASP C 12 -6.41 -6.04 -16.57
CA ASP C 12 -5.27 -5.22 -16.25
C ASP C 12 -5.53 -4.20 -15.13
N SER C 13 -6.66 -3.49 -15.15
CA SER C 13 -6.91 -2.46 -14.12
C SER C 13 -7.04 -3.03 -12.69
N ASP C 14 -7.11 -4.35 -12.54
CA ASP C 14 -7.17 -4.96 -11.20
C ASP C 14 -5.82 -4.85 -10.50
N CYS C 15 -4.79 -4.61 -11.29
CA CYS C 15 -3.45 -4.74 -10.83
C CYS C 15 -2.89 -3.42 -10.36
N LEU C 16 -1.78 -3.47 -9.65
CA LEU C 16 -1.10 -2.26 -9.21
C LEU C 16 -0.36 -1.63 -10.38
N ALA C 17 0.12 -0.41 -10.16
CA ALA C 17 0.84 0.37 -11.18
C ALA C 17 2.06 -0.38 -11.73
N GLY C 18 2.16 -0.38 -13.05
CA GLY C 18 3.24 -1.12 -13.72
C GLY C 18 2.94 -2.53 -14.10
N CYS C 19 1.73 -2.99 -13.83
CA CYS C 19 1.39 -4.36 -14.05
C CYS C 19 0.28 -4.57 -15.06
N VAL C 20 0.25 -5.79 -15.56
CA VAL C 20 -0.87 -6.24 -16.38
C VAL C 20 -1.33 -7.58 -15.86
N CYS C 21 -2.49 -8.03 -16.34
CA CYS C 21 -3.02 -9.31 -15.94
C CYS C 21 -2.47 -10.35 -16.88
N GLY C 22 -1.58 -11.20 -16.39
CA GLY C 22 -0.86 -12.12 -17.26
C GLY C 22 -1.65 -13.32 -17.66
N PRO C 23 -1.08 -14.12 -18.59
CA PRO C 23 -1.69 -15.36 -19.00
C PRO C 23 -2.23 -16.20 -17.84
N ASN C 24 -1.43 -16.38 -16.77
CA ASN C 24 -1.81 -17.26 -15.64
C ASN C 24 -2.77 -16.69 -14.57
N GLY C 25 -3.34 -15.52 -14.84
CA GLY C 25 -4.39 -14.97 -13.99
C GLY C 25 -3.82 -14.28 -12.74
N PHE C 26 -2.57 -13.94 -12.81
CA PHE C 26 -1.91 -13.12 -11.78
C PHE C 26 -1.38 -11.85 -12.38
N CYS C 27 -1.26 -10.80 -11.56
CA CYS C 27 -0.66 -9.58 -11.98
C CYS C 27 0.80 -9.75 -12.18
N GLY C 28 1.31 -9.17 -13.27
CA GLY C 28 2.72 -9.19 -13.52
C GLY C 28 3.21 -8.13 -14.47
N SER C 29 4.51 -8.12 -14.68
CA SER C 29 5.13 -7.16 -15.58
C SER C 29 4.74 -7.45 -17.03
N PRO C 30 4.52 -6.41 -17.86
CA PRO C 30 4.17 -6.65 -19.27
C PRO C 30 5.18 -7.52 -19.97
N ALA C 31 4.72 -8.20 -21.03
CA ALA C 31 5.49 -9.21 -21.77
C ALA C 31 6.27 -10.19 -20.86
N GLY D 1 -16.44 -3.31 -2.96
CA GLY D 1 -15.72 -2.43 -1.99
C GLY D 1 -14.25 -2.30 -2.32
N CYS D 2 -13.58 -1.36 -1.66
CA CYS D 2 -12.17 -1.12 -1.92
C CYS D 2 -11.43 -1.53 -0.67
N PRO D 3 -10.39 -2.36 -0.78
CA PRO D 3 -9.63 -2.71 0.43
C PRO D 3 -9.02 -1.48 1.12
N ARG D 4 -8.86 -1.55 2.45
CA ARG D 4 -8.52 -0.38 3.22
C ARG D 4 -7.00 -0.35 3.53
N ILE D 5 -6.21 -0.76 2.54
CA ILE D 5 -4.74 -0.60 2.51
C ILE D 5 -4.45 0.76 1.90
N LEU D 6 -3.56 1.52 2.52
CA LEU D 6 -3.27 2.87 2.04
C LEU D 6 -2.27 2.68 0.88
N ILE D 7 -2.66 3.18 -0.27
CA ILE D 7 -1.86 3.11 -1.50
C ILE D 7 -1.99 4.45 -2.19
N ARG D 8 -0.85 5.07 -2.51
CA ARG D 8 -0.87 6.29 -3.26
C ARG D 8 -1.05 6.04 -4.75
N CYS D 9 -1.62 7.01 -5.46
CA CYS D 9 -1.94 6.80 -6.86
C CYS D 9 -1.98 8.11 -7.61
N LYS D 10 -1.86 8.01 -8.93
CA LYS D 10 -2.09 9.13 -9.84
C LYS D 10 -3.33 8.93 -10.68
N GLN D 11 -3.69 7.68 -10.97
CA GLN D 11 -4.87 7.36 -11.77
C GLN D 11 -5.52 6.08 -11.25
N ASP D 12 -6.74 5.86 -11.65
CA ASP D 12 -7.59 4.83 -11.06
C ASP D 12 -6.97 3.46 -11.25
N SER D 13 -6.37 3.25 -12.40
CA SER D 13 -5.79 1.94 -12.69
C SER D 13 -4.62 1.56 -11.78
N ASP D 14 -4.06 2.53 -11.05
CA ASP D 14 -3.01 2.26 -10.07
C ASP D 14 -3.52 1.45 -8.86
N CYS D 15 -4.84 1.46 -8.66
CA CYS D 15 -5.52 0.95 -7.44
C CYS D 15 -5.96 -0.50 -7.58
N LEU D 16 -6.32 -1.17 -6.50
CA LEU D 16 -6.77 -2.53 -6.60
C LEU D 16 -8.21 -2.54 -7.11
N ALA D 17 -8.74 -3.71 -7.42
CA ALA D 17 -10.12 -3.84 -7.89
C ALA D 17 -11.12 -3.27 -6.90
N GLY D 18 -12.07 -2.51 -7.41
CA GLY D 18 -13.02 -1.92 -6.54
C GLY D 18 -12.71 -0.51 -6.11
N CYS D 19 -11.54 0.00 -6.51
CA CYS D 19 -11.04 1.28 -6.05
C CYS D 19 -10.83 2.27 -7.20
N VAL D 20 -10.88 3.57 -6.85
CA VAL D 20 -10.53 4.65 -7.75
C VAL D 20 -9.48 5.53 -7.01
N CYS D 21 -8.78 6.34 -7.76
CA CYS D 21 -7.80 7.26 -7.24
C CYS D 21 -8.53 8.57 -6.88
N GLY D 22 -8.61 8.82 -5.59
CA GLY D 22 -9.31 9.96 -4.99
C GLY D 22 -8.57 11.22 -5.18
N PRO D 23 -9.25 12.35 -4.93
CA PRO D 23 -8.65 13.62 -5.19
C PRO D 23 -7.44 13.92 -4.32
N ASN D 24 -7.30 13.24 -3.20
CA ASN D 24 -6.12 13.29 -2.32
C ASN D 24 -4.91 12.39 -2.73
N GLY D 25 -4.99 11.70 -3.87
CA GLY D 25 -3.89 10.87 -4.35
C GLY D 25 -3.77 9.56 -3.59
N PHE D 26 -4.86 9.11 -2.96
CA PHE D 26 -4.94 7.78 -2.38
C PHE D 26 -6.09 6.99 -2.96
N CYS D 27 -5.94 5.68 -2.98
CA CYS D 27 -6.95 4.77 -3.49
C CYS D 27 -8.08 4.69 -2.50
N GLY D 28 -9.31 4.59 -3.01
CA GLY D 28 -10.45 4.45 -2.16
C GLY D 28 -11.68 4.05 -2.94
N SER D 29 -12.77 3.91 -2.22
CA SER D 29 -14.00 3.46 -2.87
C SER D 29 -14.68 4.58 -3.64
N PRO D 30 -15.22 4.29 -4.82
CA PRO D 30 -15.97 5.33 -5.56
C PRO D 30 -17.27 5.66 -4.83
C PRO D 30 -17.19 5.88 -4.88
N ALA D 31 -17.68 4.79 -3.91
N ALA D 31 -17.58 7.08 -5.28
CA ALA D 31 -18.85 5.01 -3.06
CA ALA D 31 -18.76 7.71 -4.71
C ALA D 31 -20.11 5.25 -3.90
C ALA D 31 -18.40 9.04 -4.06
N GLY E 1 -16.03 -6.75 -1.39
CA GLY E 1 -15.40 -7.96 -0.78
C GLY E 1 -13.90 -7.95 -0.44
N CYS E 2 -13.32 -9.12 -0.59
CA CYS E 2 -12.04 -9.36 -0.03
C CYS E 2 -10.97 -8.95 -1.08
N PRO E 3 -9.81 -8.39 -0.69
CA PRO E 3 -8.77 -8.14 -1.72
C PRO E 3 -8.32 -9.47 -2.32
N ARG E 4 -7.81 -9.46 -3.56
CA ARG E 4 -7.43 -10.63 -4.26
C ARG E 4 -5.91 -10.88 -4.15
N ILE E 5 -5.29 -10.20 -3.20
CA ILE E 5 -3.94 -10.50 -2.78
C ILE E 5 -3.90 -11.87 -2.12
N LEU E 6 -2.93 -12.68 -2.49
CA LEU E 6 -2.79 -14.03 -1.90
C LEU E 6 -2.18 -13.94 -0.50
N ILE E 7 -2.96 -14.31 0.49
CA ILE E 7 -2.52 -14.36 1.88
C ILE E 7 -2.83 -15.74 2.43
N ARG E 8 -1.83 -16.42 2.94
CA ARG E 8 -2.05 -17.75 3.51
C ARG E 8 -2.64 -17.58 4.88
N CYS E 9 -3.51 -18.52 5.25
CA CYS E 9 -4.22 -18.41 6.48
C CYS E 9 -4.50 -19.78 7.07
N LYS E 10 -4.57 -19.78 8.39
CA LYS E 10 -4.99 -20.97 9.14
C LYS E 10 -6.43 -20.75 9.69
N GLN E 11 -6.80 -19.48 9.92
CA GLN E 11 -8.11 -19.14 10.48
C GLN E 11 -8.61 -17.82 9.96
N ASP E 12 -9.92 -17.56 10.06
CA ASP E 12 -10.46 -16.35 9.46
C ASP E 12 -9.81 -15.10 10.00
N SER E 13 -9.43 -15.08 11.26
CA SER E 13 -8.85 -13.83 11.82
C SER E 13 -7.48 -13.48 11.20
N ASP E 14 -6.88 -14.41 10.47
CA ASP E 14 -5.64 -14.12 9.75
C ASP E 14 -5.83 -13.18 8.53
N CYS E 15 -7.07 -13.07 8.10
CA CYS E 15 -7.43 -12.36 6.90
C CYS E 15 -7.89 -10.92 7.09
N LEU E 16 -7.88 -10.16 6.00
CA LEU E 16 -8.39 -8.79 5.98
C LEU E 16 -9.89 -8.75 6.12
N ALA E 17 -10.43 -7.55 6.37
CA ALA E 17 -11.87 -7.33 6.51
C ALA E 17 -12.62 -7.82 5.29
N GLY E 18 -13.70 -8.52 5.56
CA GLY E 18 -14.53 -9.03 4.51
C GLY E 18 -14.13 -10.38 3.98
N CYS E 19 -13.10 -10.98 4.60
CA CYS E 19 -12.52 -12.20 4.11
C CYS E 19 -12.61 -13.30 5.12
N VAL E 20 -12.61 -14.52 4.64
CA VAL E 20 -12.53 -15.70 5.48
C VAL E 20 -11.45 -16.62 4.95
N CYS E 21 -11.02 -17.56 5.80
CA CYS E 21 -10.01 -18.51 5.39
C CYS E 21 -10.69 -19.66 4.70
N GLY E 22 -10.45 -19.78 3.40
CA GLY E 22 -11.15 -20.74 2.55
C GLY E 22 -10.50 -22.09 2.54
N PRO E 23 -11.11 -23.05 1.81
CA PRO E 23 -10.61 -24.41 1.82
C PRO E 23 -9.29 -24.51 1.10
N ASN E 24 -9.01 -23.59 0.17
CA ASN E 24 -7.70 -23.52 -0.50
C ASN E 24 -6.53 -23.05 0.39
N GLY E 25 -6.78 -22.64 1.65
CA GLY E 25 -5.70 -22.27 2.56
C GLY E 25 -5.31 -20.79 2.37
N PHE E 26 -6.12 -20.05 1.63
CA PHE E 26 -5.91 -18.61 1.37
C PHE E 26 -7.14 -17.85 1.78
N CYS E 27 -6.98 -16.59 2.12
CA CYS E 27 -8.07 -15.67 2.39
C CYS E 27 -8.89 -15.40 1.16
N GLY E 28 -10.20 -15.38 1.33
CA GLY E 28 -11.09 -15.10 0.21
C GLY E 28 -12.44 -14.59 0.66
N SER E 29 -13.26 -14.24 -0.32
CA SER E 29 -14.65 -13.83 -0.06
C SER E 29 -15.45 -15.03 0.42
N PRO E 30 -16.37 -14.80 1.38
CA PRO E 30 -17.22 -15.86 1.92
C PRO E 30 -18.24 -16.32 0.88
N GLY F 1 5.31 -10.05 15.23
CA GLY F 1 4.95 -8.61 15.22
C GLY F 1 4.04 -8.30 14.04
N CYS F 2 3.38 -7.16 14.11
CA CYS F 2 2.47 -6.79 13.05
C CYS F 2 3.27 -6.22 11.81
N PRO F 3 2.95 -6.62 10.59
CA PRO F 3 3.57 -6.03 9.37
C PRO F 3 3.37 -4.52 9.33
N ARG F 4 4.29 -3.74 8.77
CA ARG F 4 4.24 -2.29 8.90
C ARG F 4 3.55 -1.60 7.70
N ILE F 5 2.67 -2.32 7.04
CA ILE F 5 1.81 -1.84 6.00
C ILE F 5 0.66 -1.10 6.63
N LEU F 6 0.36 0.08 6.11
CA LEU F 6 -0.76 0.90 6.67
C LEU F 6 -2.11 0.35 6.20
N ILE F 7 -2.90 -0.14 7.16
CA ILE F 7 -4.18 -0.75 6.89
C ILE F 7 -5.17 -0.22 7.94
N ARG F 8 -6.27 0.33 7.45
CA ARG F 8 -7.33 0.79 8.35
C ARG F 8 -8.06 -0.36 8.96
N CYS F 9 -8.64 -0.16 10.15
CA CYS F 9 -9.35 -1.20 10.83
C CYS F 9 -10.40 -0.59 11.74
N LYS F 10 -11.44 -1.37 11.98
CA LYS F 10 -12.41 -1.04 13.02
C LYS F 10 -12.30 -1.96 14.21
N GLN F 11 -11.81 -3.18 14.01
CA GLN F 11 -11.49 -4.08 15.09
C GLN F 11 -10.31 -4.98 14.74
N ASP F 12 -9.76 -5.70 15.73
CA ASP F 12 -8.50 -6.41 15.53
C ASP F 12 -8.61 -7.40 14.39
N SER F 13 -9.75 -8.05 14.23
CA SER F 13 -9.88 -9.05 13.16
C SER F 13 -9.77 -8.50 11.74
N ASP F 14 -9.84 -7.18 11.56
CA ASP F 14 -9.62 -6.52 10.26
C ASP F 14 -8.16 -6.59 9.85
N CYS F 15 -7.28 -6.90 10.79
CA CYS F 15 -5.88 -6.82 10.54
C CYS F 15 -5.26 -8.18 10.22
N LEU F 16 -4.01 -8.14 9.79
CA LEU F 16 -3.25 -9.35 9.55
C LEU F 16 -2.89 -10.03 10.86
N ALA F 17 -2.40 -11.26 10.77
CA ALA F 17 -1.96 -11.99 11.97
C ALA F 17 -0.87 -11.26 12.76
N GLY F 18 -1.00 -11.25 14.08
CA GLY F 18 -0.06 -10.53 14.93
C GLY F 18 -0.42 -9.08 15.24
N CYS F 19 -1.53 -8.61 14.69
CA CYS F 19 -1.83 -7.22 14.77
C CYS F 19 -3.07 -6.97 15.60
N VAL F 20 -3.16 -5.78 16.12
CA VAL F 20 -4.40 -5.31 16.73
C VAL F 20 -4.76 -3.99 16.09
N CYS F 21 -5.99 -3.55 16.29
CA CYS F 21 -6.44 -2.28 15.80
C CYS F 21 -6.05 -1.22 16.82
N GLY F 22 -5.16 -0.32 16.44
CA GLY F 22 -4.69 0.75 17.34
C GLY F 22 -5.65 1.91 17.53
N PRO F 23 -5.28 2.86 18.43
CA PRO F 23 -6.14 4.01 18.80
C PRO F 23 -6.59 4.93 17.66
N ASN F 24 -5.82 5.00 16.60
CA ASN F 24 -6.19 5.76 15.43
C ASN F 24 -6.85 4.97 14.30
N GLY F 25 -7.29 3.74 14.56
CA GLY F 25 -7.99 2.98 13.53
C GLY F 25 -7.09 2.43 12.43
N PHE F 26 -5.82 2.20 12.76
CA PHE F 26 -4.88 1.45 11.93
C PHE F 26 -4.25 0.28 12.65
N CYS F 27 -3.92 -0.74 11.90
CA CYS F 27 -3.35 -1.96 12.41
C CYS F 27 -1.94 -1.78 12.89
N GLY F 28 -1.63 -2.40 14.00
CA GLY F 28 -0.32 -2.23 14.63
C GLY F 28 -0.03 -3.35 15.58
N SER F 29 1.15 -3.29 16.16
CA SER F 29 1.60 -4.31 17.10
C SER F 29 0.96 -4.06 18.44
N PRO F 30 0.62 -5.16 19.15
CA PRO F 30 -0.06 -5.02 20.43
C PRO F 30 0.81 -4.38 21.50
N ALA F 31 0.15 -3.68 22.42
CA ALA F 31 0.78 -2.93 23.53
C ALA F 31 1.48 -1.71 22.97
N GLY G 1 -10.06 6.76 11.74
CA GLY G 1 -9.02 7.61 12.35
C GLY G 1 -8.07 8.27 11.38
N CYS G 2 -7.23 9.13 11.94
CA CYS G 2 -6.24 9.85 11.16
C CYS G 2 -4.85 9.28 11.41
N PRO G 3 -4.21 8.75 10.37
CA PRO G 3 -2.91 8.15 10.59
C PRO G 3 -1.86 9.22 10.90
N ARG G 4 -0.80 8.81 11.60
CA ARG G 4 0.26 9.73 11.96
C ARG G 4 1.23 9.84 10.80
N ILE G 5 0.73 10.29 9.66
CA ILE G 5 1.59 10.66 8.53
C ILE G 5 1.46 12.17 8.27
N LEU G 6 2.60 12.80 7.95
CA LEU G 6 2.65 14.23 7.63
C LEU G 6 2.11 14.47 6.25
N ILE G 7 0.93 15.07 6.19
CA ILE G 7 0.28 15.38 4.92
C ILE G 7 -0.12 16.84 4.95
N ARG G 8 0.56 17.61 4.12
CA ARG G 8 0.23 19.00 3.96
C ARG G 8 -1.13 19.03 3.31
N CYS G 9 -1.92 20.06 3.64
CA CYS G 9 -3.27 20.22 3.17
C CYS G 9 -3.62 21.69 3.11
N LYS G 10 -4.53 22.02 2.23
CA LYS G 10 -5.11 23.33 2.21
C LYS G 10 -6.53 23.21 2.65
N GLN G 11 -7.18 22.11 2.24
CA GLN G 11 -8.55 21.78 2.66
C GLN G 11 -8.66 20.31 3.15
N ASP G 12 -9.79 19.98 3.74
CA ASP G 12 -10.03 18.63 4.28
C ASP G 12 -9.97 17.48 3.23
N SER G 13 -10.41 17.72 1.98
CA SER G 13 -10.33 16.69 0.92
C SER G 13 -8.90 16.35 0.51
N ASP G 14 -7.94 17.16 0.97
CA ASP G 14 -6.52 16.84 0.82
C ASP G 14 -6.15 15.75 1.77
N CYS G 15 -7.04 15.46 2.71
CA CYS G 15 -6.73 14.61 3.84
C CYS G 15 -7.43 13.29 3.73
N LEU G 16 -6.89 12.31 4.44
CA LEU G 16 -7.46 10.98 4.53
C LEU G 16 -8.75 11.01 5.33
N ALA G 17 -9.62 10.02 5.12
CA ALA G 17 -10.82 9.90 5.96
C ALA G 17 -10.39 9.87 7.39
N GLY G 18 -11.17 10.51 8.26
CA GLY G 18 -10.84 10.63 9.65
C GLY G 18 -9.91 11.78 9.99
N CYS G 19 -9.40 12.50 8.98
CA CYS G 19 -8.55 13.66 9.22
C CYS G 19 -9.30 14.97 8.90
N VAL G 20 -8.86 16.04 9.54
CA VAL G 20 -9.26 17.40 9.13
C VAL G 20 -7.99 18.16 8.82
N CYS G 21 -8.13 19.24 8.06
CA CYS G 21 -6.98 20.11 7.82
C CYS G 21 -6.76 21.07 9.01
N GLY G 22 -5.62 20.94 9.67
CA GLY G 22 -5.33 21.72 10.86
C GLY G 22 -5.05 23.19 10.58
N PRO G 23 -4.97 23.98 11.65
CA PRO G 23 -4.68 25.39 11.48
C PRO G 23 -3.26 25.65 10.94
N ASN G 24 -2.35 24.70 11.04
CA ASN G 24 -1.02 24.89 10.47
C ASN G 24 -0.82 24.25 9.09
N GLY G 25 -1.92 23.83 8.47
CA GLY G 25 -1.94 23.27 7.12
C GLY G 25 -1.47 21.86 7.00
N PHE G 26 -1.65 21.08 8.06
CA PHE G 26 -1.32 19.66 8.03
C PHE G 26 -2.56 18.93 8.45
N CYS G 27 -2.75 17.73 7.91
CA CYS G 27 -3.89 16.91 8.28
C CYS G 27 -3.63 16.38 9.65
N GLY G 28 -4.70 16.20 10.39
CA GLY G 28 -4.64 15.68 11.73
C GLY G 28 -6.02 15.29 12.23
N SER G 29 -6.08 14.74 13.42
CA SER G 29 -7.35 14.25 13.93
C SER G 29 -8.14 15.46 14.40
N PRO G 30 -9.48 15.42 14.29
CA PRO G 30 -10.27 16.50 14.82
C PRO G 30 -10.46 16.27 16.31
N GLY H 1 12.63 26.30 -14.87
CA GLY H 1 11.17 26.63 -14.73
C GLY H 1 10.42 25.78 -13.71
N CYS H 2 11.01 24.66 -13.29
CA CYS H 2 10.47 23.89 -12.18
C CYS H 2 11.51 23.71 -11.08
N PRO H 3 11.34 24.42 -9.97
CA PRO H 3 12.30 24.28 -8.89
C PRO H 3 12.35 22.89 -8.31
N ARG H 4 13.51 22.51 -7.84
CA ARG H 4 13.71 21.20 -7.25
C ARG H 4 13.27 21.21 -5.79
N ILE H 5 12.02 20.84 -5.55
CA ILE H 5 11.51 20.61 -4.20
C ILE H 5 10.47 19.50 -4.27
N LEU H 6 10.44 18.65 -3.24
CA LEU H 6 9.72 17.40 -3.34
C LEU H 6 8.26 17.73 -2.96
N ILE H 7 7.38 17.67 -3.93
CA ILE H 7 5.99 17.93 -3.69
C ILE H 7 5.18 16.78 -4.26
N ARG H 8 4.35 16.14 -3.44
CA ARG H 8 3.49 15.08 -3.92
C ARG H 8 2.27 15.62 -4.63
N CYS H 9 1.76 14.90 -5.63
CA CYS H 9 0.72 15.45 -6.46
C CYS H 9 -0.21 14.41 -7.10
N LYS H 10 -1.45 14.81 -7.37
CA LYS H 10 -2.34 14.03 -8.24
C LYS H 10 -2.75 14.74 -9.53
N GLN H 11 -2.71 16.06 -9.55
CA GLN H 11 -3.05 16.80 -10.74
C GLN H 11 -2.06 17.98 -10.81
N ASP H 12 -1.91 18.56 -11.97
CA ASP H 12 -0.88 19.59 -12.13
C ASP H 12 -1.07 20.77 -11.22
N SER H 13 -2.30 21.15 -10.93
CA SER H 13 -2.51 22.27 -10.07
C SER H 13 -1.96 22.06 -8.64
N ASP H 14 -1.56 20.83 -8.29
CA ASP H 14 -0.98 20.53 -6.96
C ASP H 14 0.47 21.00 -6.86
N CYS H 15 1.08 21.29 -8.01
CA CYS H 15 2.48 21.66 -8.17
C CYS H 15 2.70 23.18 -8.20
N LEU H 16 3.94 23.57 -7.99
CA LEU H 16 4.39 24.93 -8.18
C LEU H 16 4.27 25.33 -9.63
N ALA H 17 4.15 26.64 -9.86
CA ALA H 17 3.99 27.17 -11.23
C ALA H 17 5.18 26.74 -12.07
N GLY H 18 4.89 26.20 -13.25
CA GLY H 18 5.90 25.72 -14.18
C GLY H 18 6.29 24.28 -14.01
N CYS H 19 5.63 23.61 -13.08
CA CYS H 19 5.88 22.24 -12.80
C CYS H 19 4.62 21.52 -13.19
N VAL H 20 4.75 20.27 -13.52
CA VAL H 20 3.57 19.47 -13.82
C VAL H 20 3.66 18.21 -12.99
N CYS H 21 2.52 17.53 -12.86
CA CYS H 21 2.48 16.32 -12.04
C CYS H 21 2.79 15.16 -12.94
N GLY H 22 3.87 14.46 -12.62
CA GLY H 22 4.28 13.35 -13.37
C GLY H 22 3.44 12.11 -13.24
N PRO H 23 3.70 11.14 -14.10
CA PRO H 23 2.99 9.89 -14.09
C PRO H 23 3.04 9.20 -12.76
N ASN H 24 4.13 9.37 -11.98
CA ASN H 24 4.21 8.80 -10.63
C ASN H 24 3.84 9.76 -9.46
N GLY H 25 3.08 10.83 -9.74
CA GLY H 25 2.56 11.64 -8.65
C GLY H 25 3.59 12.48 -7.86
N PHE H 26 4.67 12.91 -8.54
CA PHE H 26 5.53 13.94 -7.95
C PHE H 26 5.62 15.06 -8.98
N CYS H 27 5.73 16.27 -8.47
CA CYS H 27 5.89 17.43 -9.32
C CYS H 27 7.28 17.43 -9.92
N GLY H 28 7.34 17.91 -11.17
CA GLY H 28 8.60 18.08 -11.91
C GLY H 28 8.38 18.89 -13.15
N SER H 29 9.41 18.96 -13.98
CA SER H 29 9.36 19.78 -15.22
C SER H 29 8.66 19.09 -16.36
N PRO H 30 7.93 19.90 -17.17
CA PRO H 30 7.24 19.49 -18.39
#